data_8CB7
#
_entry.id   8CB7
#
_cell.length_a   48.620
_cell.length_b   94.242
_cell.length_c   101.549
_cell.angle_alpha   90.000
_cell.angle_beta   90.000
_cell.angle_gamma   90.000
#
_symmetry.space_group_name_H-M   'P 21 21 21'
#
loop_
_entity.id
_entity.type
_entity.pdbx_description
1 polymer 'Listeriolysin regulatory protein'
2 polymer 'tetrapeptide GLU-VAL-PHE-LEU'
3 water water
#
loop_
_entity_poly.entity_id
_entity_poly.type
_entity_poly.pdbx_seq_one_letter_code
_entity_poly.pdbx_strand_id
1 'polypeptide(L)'
;GAMNAQAEEFKKYLETNGIKPKQFHKKELIFNQWDPQEYCIFLYDGITKLTSISENGTIMNLQYYKGAFVIMSGFIDTET
SVGYYNLEVISEQATAYVIKINELKELLSKNLTHFFYVFQTLQKQVSYSLAKFNDFSINGKLGSICGQLLILTYVYGKET
PDGIKITLDNLTMQELGYSSGIAHSSAVSRIISKLKQEKVIVYKNSCFYVQNLDYLKRYAPKLDEWFYLACPATWGKLN
;
A,B
2 'polypeptide(L)' EVFL C,D
#
# COMPACT_ATOMS: atom_id res chain seq x y z
N ASN A 4 16.32 16.71 -2.61
CA ASN A 4 15.20 17.03 -1.73
C ASN A 4 15.62 17.93 -0.58
N ALA A 5 14.63 18.49 0.12
CA ALA A 5 14.83 19.44 1.20
C ALA A 5 14.59 18.80 2.55
N GLN A 6 13.39 18.25 2.76
CA GLN A 6 13.03 17.64 4.03
C GLN A 6 13.79 16.33 4.27
N ALA A 7 14.31 15.70 3.23
CA ALA A 7 15.07 14.49 3.49
C ALA A 7 16.43 14.92 4.03
N GLU A 8 17.02 15.96 3.44
CA GLU A 8 18.31 16.43 3.89
C GLU A 8 18.23 16.98 5.31
N GLU A 9 17.08 17.57 5.69
CA GLU A 9 16.91 18.02 7.07
C GLU A 9 16.66 16.86 8.03
N PHE A 10 16.07 15.77 7.53
CA PHE A 10 15.99 14.57 8.34
C PHE A 10 17.34 13.92 8.48
N LYS A 11 18.14 13.96 7.40
CA LYS A 11 19.51 13.46 7.47
C LYS A 11 20.28 14.19 8.56
N LYS A 12 20.26 15.54 8.53
CA LYS A 12 21.08 16.28 9.48
C LYS A 12 20.54 16.14 10.89
N TYR A 13 19.23 15.89 11.01
CA TYR A 13 18.66 15.63 12.33
C TYR A 13 19.21 14.32 12.88
N LEU A 14 19.27 13.29 12.04
CA LEU A 14 19.81 12.01 12.47
C LEU A 14 21.30 12.10 12.78
N GLU A 15 22.04 12.93 12.05
CA GLU A 15 23.47 13.05 12.31
C GLU A 15 23.75 13.85 13.56
N THR A 16 22.90 14.82 13.90
CA THR A 16 23.06 15.56 15.13
C THR A 16 22.86 14.65 16.33
N ASN A 17 21.95 13.67 16.19
CA ASN A 17 21.62 12.74 17.26
C ASN A 17 22.51 11.51 17.27
N GLY A 18 23.46 11.39 16.35
CA GLY A 18 24.40 10.30 16.38
C GLY A 18 24.13 9.09 15.51
N ILE A 19 23.21 9.16 14.57
CA ILE A 19 22.95 8.03 13.68
C ILE A 19 23.90 8.17 12.50
N LYS A 20 24.67 7.03 12.18
CA LYS A 20 25.62 7.13 11.08
C LYS A 20 25.15 6.49 9.78
N PRO A 21 25.57 7.04 8.64
CA PRO A 21 25.25 6.40 7.35
C PRO A 21 26.05 5.13 7.18
N LYS A 22 25.43 4.10 6.60
CA LYS A 22 26.20 2.94 6.15
C LYS A 22 26.16 2.86 4.62
N GLN A 23 27.23 2.36 4.03
CA GLN A 23 27.29 2.21 2.59
C GLN A 23 27.18 0.74 2.22
N PHE A 24 26.41 0.48 1.18
CA PHE A 24 26.20 -0.85 0.63
C PHE A 24 26.49 -0.86 -0.86
N HIS A 25 26.70 -2.07 -1.37
CA HIS A 25 27.01 -2.33 -2.77
C HIS A 25 25.91 -3.26 -3.28
N LYS A 26 25.82 -3.37 -4.61
CA LYS A 26 24.76 -4.18 -5.21
C LYS A 26 24.71 -5.56 -4.58
N LYS A 27 23.50 -6.10 -4.48
CA LYS A 27 23.15 -7.43 -3.98
C LYS A 27 23.21 -7.57 -2.46
N GLU A 28 23.69 -6.57 -1.72
CA GLU A 28 23.73 -6.71 -0.27
C GLU A 28 22.35 -6.43 0.31
N LEU A 29 22.07 -7.02 1.47
CA LEU A 29 20.80 -6.85 2.16
C LEU A 29 20.99 -5.90 3.33
N ILE A 30 20.28 -4.76 3.29
CA ILE A 30 20.30 -3.83 4.41
C ILE A 30 19.59 -4.44 5.61
N PHE A 31 18.48 -5.13 5.38
CA PHE A 31 17.87 -6.00 6.37
C PHE A 31 17.36 -7.23 5.64
N ASN A 32 17.14 -8.29 6.40
CA ASN A 32 16.75 -9.58 5.83
C ASN A 32 15.63 -10.19 6.67
N GLN A 33 14.94 -11.16 6.06
CA GLN A 33 13.73 -11.69 6.68
C GLN A 33 14.01 -12.63 7.83
N TRP A 34 15.28 -12.95 8.09
CA TRP A 34 15.66 -13.86 9.17
C TRP A 34 16.23 -13.13 10.37
N ASP A 35 16.45 -11.83 10.28
CA ASP A 35 16.95 -11.06 11.41
C ASP A 35 15.76 -10.81 12.32
N PRO A 36 15.80 -11.22 13.59
CA PRO A 36 14.67 -10.91 14.48
C PRO A 36 14.60 -9.44 14.83
N GLN A 37 15.72 -8.74 14.82
CA GLN A 37 15.69 -7.31 15.04
C GLN A 37 15.12 -6.63 13.79
N GLU A 38 14.12 -5.78 13.97
CA GLU A 38 13.50 -5.07 12.88
C GLU A 38 14.09 -3.67 12.87
N TYR A 39 14.14 -3.05 11.70
CA TYR A 39 14.88 -1.81 11.56
C TYR A 39 14.03 -0.78 10.84
N CYS A 40 14.44 0.48 10.97
CA CYS A 40 13.96 1.57 10.14
C CYS A 40 15.13 2.02 9.28
N ILE A 41 14.96 1.91 7.96
CA ILE A 41 16.00 2.31 7.01
C ILE A 41 15.58 3.65 6.43
N PHE A 42 16.44 4.64 6.60
CA PHE A 42 16.33 5.90 5.85
C PHE A 42 17.30 5.73 4.68
N LEU A 43 16.78 5.22 3.57
CA LEU A 43 17.56 5.15 2.33
C LEU A 43 17.77 6.57 1.83
N TYR A 44 19.02 7.04 1.88
CA TYR A 44 19.32 8.42 1.51
C TYR A 44 19.70 8.52 0.04
N ASP A 45 20.54 7.61 -0.44
CA ASP A 45 20.98 7.59 -1.84
C ASP A 45 21.06 6.14 -2.31
N GLY A 46 20.72 5.91 -3.56
CA GLY A 46 20.77 4.59 -4.15
C GLY A 46 19.38 4.05 -4.47
N ILE A 47 19.38 2.84 -5.03
CA ILE A 47 18.17 2.14 -5.43
C ILE A 47 18.16 0.78 -4.74
N THR A 48 17.01 0.41 -4.18
CA THR A 48 16.87 -0.87 -3.50
C THR A 48 15.56 -1.51 -3.92
N LYS A 49 15.36 -2.76 -3.47
CA LYS A 49 14.12 -3.46 -3.77
C LYS A 49 13.76 -4.38 -2.61
N LEU A 50 12.46 -4.46 -2.33
CA LEU A 50 11.92 -5.37 -1.32
C LEU A 50 11.68 -6.71 -1.99
N THR A 51 12.27 -7.78 -1.45
CA THR A 51 12.10 -9.11 -1.98
C THR A 51 11.52 -10.07 -0.94
N SER A 52 10.93 -11.15 -1.46
CA SER A 52 10.41 -12.25 -0.65
C SER A 52 10.83 -13.55 -1.32
N ILE A 53 11.18 -14.54 -0.49
CA ILE A 53 11.58 -15.87 -0.94
C ILE A 53 10.52 -16.90 -0.58
N SER A 54 10.07 -17.65 -1.59
CA SER A 54 9.04 -18.67 -1.43
C SER A 54 9.65 -19.99 -0.96
N GLU A 55 8.81 -21.03 -0.82
CA GLU A 55 9.29 -22.34 -0.39
C GLU A 55 10.36 -22.90 -1.33
N ASN A 56 10.18 -22.74 -2.65
CA ASN A 56 11.20 -23.17 -3.58
C ASN A 56 12.49 -22.42 -3.33
N GLY A 57 12.38 -21.15 -2.95
CA GLY A 57 13.50 -20.27 -2.73
C GLY A 57 13.68 -19.20 -3.79
N THR A 58 12.75 -19.10 -4.74
CA THR A 58 12.83 -18.09 -5.76
C THR A 58 12.51 -16.73 -5.13
N ILE A 59 13.19 -15.69 -5.61
CA ILE A 59 13.01 -14.34 -5.11
C ILE A 59 11.98 -13.61 -5.97
N MET A 60 11.01 -12.98 -5.31
CA MET A 60 10.00 -12.17 -5.96
C MET A 60 10.24 -10.73 -5.51
N ASN A 61 10.29 -9.82 -6.48
CA ASN A 61 10.42 -8.40 -6.21
C ASN A 61 9.06 -7.74 -6.14
N LEU A 62 8.80 -7.07 -5.01
CA LEU A 62 7.50 -6.49 -4.69
C LEU A 62 7.47 -4.99 -4.92
N GLN A 63 8.54 -4.28 -4.56
CA GLN A 63 8.53 -2.83 -4.65
C GLN A 63 9.98 -2.37 -4.78
N TYR A 64 10.18 -1.30 -5.53
CA TYR A 64 11.45 -0.60 -5.68
C TYR A 64 11.40 0.74 -4.96
N TYR A 65 12.49 1.09 -4.30
CA TYR A 65 12.60 2.37 -3.60
C TYR A 65 13.89 3.07 -3.98
N LYS A 66 13.79 4.37 -4.24
CA LYS A 66 14.95 5.24 -4.47
C LYS A 66 15.12 6.18 -3.28
N GLY A 67 16.38 6.49 -2.94
CA GLY A 67 16.62 7.58 -2.01
C GLY A 67 16.15 8.91 -2.56
N ALA A 68 15.59 9.76 -1.68
CA ALA A 68 15.46 9.52 -0.25
C ALA A 68 14.11 8.85 0.01
N PHE A 69 14.10 7.88 0.92
CA PHE A 69 12.86 7.22 1.30
C PHE A 69 13.08 6.46 2.60
N VAL A 70 11.97 6.07 3.23
CA VAL A 70 11.99 5.35 4.50
C VAL A 70 11.34 3.99 4.33
N ILE A 71 12.05 2.95 4.77
CA ILE A 71 11.56 1.57 4.74
C ILE A 71 11.74 0.96 6.12
N MET A 72 10.65 0.43 6.68
CA MET A 72 10.67 -0.17 8.01
C MET A 72 10.34 -1.65 7.91
N SER A 73 11.13 -2.47 8.61
CA SER A 73 10.97 -3.92 8.62
C SER A 73 10.00 -4.38 9.68
N GLY A 74 9.55 -3.46 10.52
CA GLY A 74 8.72 -3.80 11.66
C GLY A 74 7.79 -2.64 11.94
N PHE A 75 6.73 -2.96 12.66
CA PHE A 75 5.78 -1.96 13.09
C PHE A 75 6.49 -1.03 14.08
N ILE A 76 6.11 0.24 14.07
CA ILE A 76 6.93 1.22 14.76
C ILE A 76 6.86 0.95 16.25
N ASP A 77 5.72 0.46 16.73
CA ASP A 77 5.51 0.15 18.14
C ASP A 77 5.76 -1.32 18.46
N THR A 78 5.13 -2.28 17.74
CA THR A 78 5.35 -3.68 18.14
C THR A 78 6.77 -4.17 17.91
N GLU A 79 7.46 -3.67 16.90
CA GLU A 79 8.83 -4.07 16.63
C GLU A 79 8.79 -5.46 15.99
N THR A 80 7.60 -5.94 15.64
CA THR A 80 7.41 -7.24 15.03
C THR A 80 7.38 -7.09 13.52
N SER A 81 7.59 -8.20 12.83
CA SER A 81 7.73 -8.12 11.40
C SER A 81 6.44 -7.61 10.77
N VAL A 82 6.57 -6.79 9.73
CA VAL A 82 5.42 -6.40 8.93
C VAL A 82 5.23 -7.38 7.79
N GLY A 83 6.15 -8.33 7.65
CA GLY A 83 6.21 -9.27 6.54
C GLY A 83 7.63 -9.76 6.44
N TYR A 84 7.83 -11.03 6.12
CA TYR A 84 9.20 -11.58 6.03
C TYR A 84 9.77 -11.11 4.70
N TYR A 85 10.49 -10.00 4.75
CA TYR A 85 10.97 -9.32 3.56
C TYR A 85 12.45 -8.99 3.74
N ASN A 86 13.14 -8.89 2.61
CA ASN A 86 14.52 -8.45 2.52
C ASN A 86 14.60 -7.17 1.71
N LEU A 87 15.51 -6.27 2.10
CA LEU A 87 15.75 -5.02 1.39
C LEU A 87 17.12 -5.13 0.73
N GLU A 88 17.12 -5.28 -0.58
CA GLU A 88 18.31 -5.58 -1.38
C GLU A 88 18.74 -4.36 -2.19
N VAL A 89 20.05 -4.08 -2.18
CA VAL A 89 20.60 -2.99 -2.99
C VAL A 89 20.74 -3.47 -4.42
N ILE A 90 20.34 -2.63 -5.37
CA ILE A 90 20.48 -2.93 -6.80
C ILE A 90 21.33 -1.88 -7.50
N SER A 91 21.26 -0.64 -7.04
CA SER A 91 22.22 0.34 -7.54
C SER A 91 23.63 -0.12 -7.18
N GLU A 92 24.61 0.35 -7.95
CA GLU A 92 25.99 -0.07 -7.71
C GLU A 92 26.39 0.14 -6.25
N GLN A 93 26.05 1.31 -5.71
CA GLN A 93 26.29 1.61 -4.30
C GLN A 93 25.02 2.28 -3.76
N ALA A 94 24.81 2.14 -2.46
CA ALA A 94 23.71 2.80 -1.78
C ALA A 94 24.15 3.30 -0.43
N THR A 95 23.60 4.44 -0.03
CA THR A 95 23.85 5.02 1.28
C THR A 95 22.56 4.97 2.07
N ALA A 96 22.62 4.41 3.27
CA ALA A 96 21.43 4.23 4.09
C ALA A 96 21.80 4.43 5.54
N TYR A 97 20.87 5.00 6.29
CA TYR A 97 20.94 5.09 7.74
C TYR A 97 20.09 3.98 8.32
N VAL A 98 20.67 3.12 9.14
CA VAL A 98 20.00 1.95 9.69
C VAL A 98 19.76 2.28 11.16
N ILE A 99 18.49 2.36 11.54
CA ILE A 99 18.07 2.70 12.89
C ILE A 99 17.26 1.56 13.46
N LYS A 100 17.57 1.19 14.70
CA LYS A 100 16.82 0.14 15.38
C LYS A 100 15.41 0.64 15.60
N ILE A 101 14.44 -0.27 15.54
CA ILE A 101 13.05 0.16 15.70
C ILE A 101 12.78 0.77 17.07
N ASN A 102 13.53 0.34 18.09
CA ASN A 102 13.33 0.86 19.45
C ASN A 102 13.64 2.35 19.50
N GLU A 103 14.81 2.73 18.96
CA GLU A 103 15.34 4.08 19.12
C GLU A 103 14.54 5.09 18.33
N LEU A 104 14.03 4.71 17.16
CA LEU A 104 13.36 5.68 16.30
C LEU A 104 12.14 6.26 17.00
N LYS A 105 11.47 5.46 17.86
CA LYS A 105 10.30 6.00 18.54
C LYS A 105 10.71 7.16 19.45
N GLU A 106 11.84 7.03 20.10
CA GLU A 106 12.35 8.10 20.94
C GLU A 106 12.88 9.27 20.12
N LEU A 107 13.49 8.99 18.96
CA LEU A 107 13.97 10.06 18.11
C LEU A 107 12.82 10.83 17.48
N LEU A 108 11.83 10.09 16.95
CA LEU A 108 10.67 10.71 16.30
C LEU A 108 9.80 11.50 17.27
N SER A 109 9.76 11.11 18.53
CA SER A 109 9.00 11.87 19.53
C SER A 109 9.60 13.24 19.80
N LYS A 110 10.92 13.32 19.90
CA LYS A 110 11.57 14.60 20.23
C LYS A 110 11.27 15.65 19.16
N ASN A 111 11.34 15.31 17.87
CA ASN A 111 10.98 16.25 16.82
C ASN A 111 9.77 15.78 16.02
N LEU A 112 8.75 16.64 15.92
CA LEU A 112 7.48 16.29 15.29
C LEU A 112 7.56 16.40 13.77
N THR A 113 8.26 17.42 13.27
CA THR A 113 8.31 17.64 11.83
C THR A 113 8.97 16.45 11.15
N HIS A 114 9.93 15.81 11.83
CA HIS A 114 10.57 14.64 11.26
C HIS A 114 9.72 13.39 11.46
N PHE A 115 8.93 13.33 12.53
CA PHE A 115 7.87 12.32 12.63
C PHE A 115 6.95 12.42 11.42
N PHE A 116 6.38 13.60 11.19
CA PHE A 116 5.48 13.82 10.06
C PHE A 116 6.14 13.34 8.76
N TYR A 117 7.43 13.59 8.61
CA TYR A 117 8.13 13.20 7.39
C TYR A 117 8.01 11.69 7.19
N VAL A 118 8.32 10.92 8.23
CA VAL A 118 8.17 9.47 8.12
C VAL A 118 6.71 9.11 7.92
N PHE A 119 5.81 9.80 8.61
CA PHE A 119 4.38 9.52 8.48
C PHE A 119 3.93 9.64 7.04
N GLN A 120 4.32 10.72 6.36
CA GLN A 120 3.78 10.98 5.05
C GLN A 120 4.49 10.18 3.97
N THR A 121 5.62 9.56 4.30
CA THR A 121 6.20 8.59 3.40
C THR A 121 5.37 7.31 3.34
N LEU A 122 4.81 6.90 4.49
CA LEU A 122 3.85 5.81 4.49
C LEU A 122 2.61 6.19 3.69
N GLN A 123 2.13 7.42 3.87
CA GLN A 123 0.97 7.88 3.11
C GLN A 123 1.26 7.82 1.62
N LYS A 124 2.45 8.26 1.21
CA LYS A 124 2.81 8.16 -0.20
C LYS A 124 2.74 6.71 -0.68
N GLN A 125 3.12 5.75 0.18
CA GLN A 125 3.08 4.36 -0.26
C GLN A 125 1.66 3.83 -0.32
N VAL A 126 0.86 4.13 0.71
CA VAL A 126 -0.55 3.72 0.72
C VAL A 126 -1.26 4.23 -0.53
N SER A 127 -1.19 5.54 -0.77
CA SER A 127 -1.86 6.12 -1.92
C SER A 127 -1.28 5.61 -3.22
N TYR A 128 0.03 5.31 -3.25
CA TYR A 128 0.62 4.78 -4.47
C TYR A 128 -0.03 3.44 -4.82
N SER A 129 -0.17 2.58 -3.81
CA SER A 129 -0.76 1.26 -4.04
C SER A 129 -2.21 1.36 -4.50
N LEU A 130 -2.99 2.26 -3.89
CA LEU A 130 -4.39 2.42 -4.31
C LEU A 130 -4.48 2.97 -5.73
N ALA A 131 -3.65 3.96 -6.05
CA ALA A 131 -3.64 4.51 -7.39
C ALA A 131 -3.32 3.45 -8.43
N LYS A 132 -2.31 2.62 -8.16
CA LYS A 132 -1.93 1.62 -9.14
C LYS A 132 -2.97 0.53 -9.30
N PHE A 133 -3.57 0.07 -8.20
CA PHE A 133 -4.69 -0.88 -8.30
C PHE A 133 -5.75 -0.28 -9.22
N ASN A 134 -6.13 0.98 -8.95
CA ASN A 134 -7.15 1.69 -9.72
C ASN A 134 -6.84 1.69 -11.20
N ASP A 135 -5.61 2.06 -11.58
CA ASP A 135 -5.30 2.16 -13.01
C ASP A 135 -5.40 0.78 -13.65
N PHE A 136 -5.18 -0.27 -12.87
CA PHE A 136 -5.36 -1.62 -13.38
C PHE A 136 -6.84 -1.93 -13.51
N SER A 137 -7.65 -1.53 -12.53
CA SER A 137 -9.08 -1.78 -12.57
C SER A 137 -9.74 -1.13 -13.77
N ILE A 138 -9.09 -0.15 -14.39
CA ILE A 138 -9.65 0.57 -15.54
C ILE A 138 -9.09 0.05 -16.85
N ASN A 139 -7.77 -0.13 -16.92
CA ASN A 139 -7.10 -0.46 -18.17
C ASN A 139 -6.29 -1.75 -18.13
N GLY A 140 -6.43 -2.57 -17.09
CA GLY A 140 -5.72 -3.82 -17.14
C GLY A 140 -4.22 -3.62 -17.16
N LYS A 141 -3.51 -4.56 -17.80
CA LYS A 141 -2.07 -4.49 -17.82
C LYS A 141 -1.56 -3.33 -18.67
N LEU A 142 -2.38 -2.82 -19.60
CA LEU A 142 -1.99 -1.61 -20.31
C LEU A 142 -1.91 -0.42 -19.35
N GLY A 143 -2.89 -0.31 -18.45
CA GLY A 143 -2.83 0.72 -17.42
C GLY A 143 -1.68 0.53 -16.44
N SER A 144 -1.39 -0.72 -16.09
CA SER A 144 -0.31 -0.97 -15.14
C SER A 144 1.05 -0.65 -15.75
N ILE A 145 1.26 -1.01 -17.01
CA ILE A 145 2.56 -0.78 -17.62
C ILE A 145 2.77 0.68 -17.95
N CYS A 146 1.74 1.36 -18.47
CA CYS A 146 1.84 2.79 -18.69
C CYS A 146 2.05 3.54 -17.38
N GLY A 147 1.35 3.15 -16.32
CA GLY A 147 1.57 3.77 -15.03
C GLY A 147 3.01 3.66 -14.55
N GLN A 148 3.60 2.47 -14.68
CA GLN A 148 4.98 2.30 -14.25
C GLN A 148 5.94 3.10 -15.12
N LEU A 149 5.67 3.16 -16.42
CA LEU A 149 6.52 3.96 -17.30
C LEU A 149 6.37 5.45 -17.02
N LEU A 150 5.19 5.88 -16.58
CA LEU A 150 5.01 7.31 -16.29
C LEU A 150 5.78 7.73 -15.05
N ILE A 151 5.76 6.91 -13.99
CA ILE A 151 6.53 7.21 -12.80
C ILE A 151 8.01 7.28 -13.12
N LEU A 152 8.51 6.26 -13.83
CA LEU A 152 9.93 6.24 -14.17
C LEU A 152 10.31 7.44 -15.03
N THR A 153 9.42 7.86 -15.93
CA THR A 153 9.67 9.06 -16.73
C THR A 153 9.80 10.29 -15.83
N TYR A 154 8.86 10.44 -14.89
CA TYR A 154 8.88 11.61 -14.00
C TYR A 154 10.15 11.62 -13.17
N VAL A 155 10.51 10.47 -12.60
CA VAL A 155 11.58 10.45 -11.61
C VAL A 155 12.92 10.61 -12.31
N TYR A 156 13.09 9.89 -13.42
CA TYR A 156 14.33 9.82 -14.17
C TYR A 156 14.34 10.52 -15.51
N GLY A 157 13.33 11.24 -15.97
CA GLY A 157 13.43 11.78 -17.35
C GLY A 157 14.40 12.93 -17.51
N LYS A 158 15.02 13.05 -18.68
CA LYS A 158 15.85 14.18 -19.09
C LYS A 158 15.34 14.41 -20.51
N GLU A 159 14.79 15.57 -20.84
CA GLU A 159 14.25 15.79 -22.19
C GLU A 159 15.43 15.69 -23.15
N THR A 160 15.27 14.98 -24.26
CA THR A 160 16.34 14.75 -25.26
C THR A 160 15.73 14.87 -26.66
N PRO A 161 16.50 14.94 -27.76
CA PRO A 161 15.90 15.22 -29.06
C PRO A 161 14.86 14.18 -29.44
N ASP A 162 15.15 12.95 -29.10
CA ASP A 162 14.34 11.80 -29.45
C ASP A 162 13.16 11.57 -28.50
N GLY A 163 13.27 12.02 -27.26
CA GLY A 163 12.19 11.79 -26.32
C GLY A 163 12.63 12.15 -24.92
N ILE A 164 11.86 11.67 -23.95
CA ILE A 164 12.18 11.85 -22.54
C ILE A 164 12.99 10.62 -22.18
N LYS A 165 14.31 10.77 -22.03
CA LYS A 165 15.13 9.61 -21.77
C LYS A 165 14.99 9.30 -20.29
N ILE A 166 14.68 8.03 -20.01
CA ILE A 166 14.63 7.47 -18.66
C ILE A 166 16.05 7.05 -18.31
N THR A 167 16.78 7.99 -17.70
CA THR A 167 18.23 7.86 -17.56
C THR A 167 18.53 6.93 -16.39
N LEU A 168 18.15 5.66 -16.58
CA LEU A 168 18.51 4.61 -15.65
C LEU A 168 19.68 3.80 -16.21
N ASP A 169 20.45 3.20 -15.30
CA ASP A 169 21.61 2.37 -15.69
C ASP A 169 21.08 1.18 -16.49
N ASN A 170 21.80 0.78 -17.54
CA ASN A 170 21.46 -0.35 -18.44
C ASN A 170 21.07 -1.55 -17.58
N LEU A 171 21.99 -2.04 -16.76
CA LEU A 171 21.78 -3.22 -15.89
C LEU A 171 20.48 -3.04 -15.10
N THR A 172 20.24 -1.83 -14.57
CA THR A 172 19.06 -1.50 -13.71
C THR A 172 17.75 -1.71 -14.49
N MET A 173 17.61 -1.05 -15.64
CA MET A 173 16.37 -1.11 -16.46
C MET A 173 16.12 -2.54 -16.95
N GLN A 174 17.19 -3.25 -17.28
CA GLN A 174 17.08 -4.63 -17.76
C GLN A 174 16.29 -5.43 -16.73
N GLU A 175 16.74 -5.43 -15.48
CA GLU A 175 16.10 -6.28 -14.43
C GLU A 175 14.72 -5.68 -14.09
N LEU A 176 14.52 -4.37 -14.21
CA LEU A 176 13.19 -3.77 -13.94
C LEU A 176 12.20 -4.38 -14.93
N GLY A 177 12.62 -4.42 -16.19
CA GLY A 177 11.90 -4.97 -17.35
C GLY A 177 12.69 -4.74 -18.62
N SER A 185 8.44 -15.78 -17.25
CA SER A 185 7.89 -14.50 -16.81
C SER A 185 8.35 -13.38 -17.74
N SER A 186 7.72 -13.29 -18.91
CA SER A 186 8.11 -12.30 -19.91
C SER A 186 6.92 -11.78 -20.70
N ALA A 187 5.68 -12.05 -20.29
CA ALA A 187 4.49 -11.53 -20.96
C ALA A 187 4.39 -10.01 -20.97
N VAL A 188 5.06 -9.30 -20.06
CA VAL A 188 5.02 -7.84 -20.10
C VAL A 188 5.85 -7.27 -21.24
N SER A 189 7.04 -7.83 -21.47
CA SER A 189 7.91 -7.37 -22.56
C SER A 189 7.15 -7.46 -23.87
N ARG A 190 6.38 -8.54 -24.04
CA ARG A 190 5.59 -8.79 -25.23
C ARG A 190 4.60 -7.63 -25.41
N ILE A 191 4.03 -7.19 -24.29
CA ILE A 191 3.07 -6.09 -24.25
C ILE A 191 3.80 -4.81 -24.69
N ILE A 192 5.04 -4.63 -24.22
CA ILE A 192 5.85 -3.46 -24.56
C ILE A 192 6.00 -3.36 -26.07
N SER A 193 6.28 -4.47 -26.74
CA SER A 193 6.43 -4.38 -28.19
C SER A 193 5.12 -3.91 -28.82
N LYS A 194 3.97 -4.24 -28.22
CA LYS A 194 2.72 -3.74 -28.77
C LYS A 194 2.63 -2.23 -28.58
N LEU A 195 2.89 -1.77 -27.35
CA LEU A 195 2.89 -0.35 -27.00
C LEU A 195 3.94 0.46 -27.78
N LYS A 196 5.07 -0.15 -28.08
CA LYS A 196 6.14 0.45 -28.89
C LYS A 196 5.69 0.75 -30.31
N GLN A 197 5.00 -0.20 -30.96
CA GLN A 197 4.57 -0.05 -32.35
C GLN A 197 3.76 1.23 -32.57
N GLU A 198 2.96 1.63 -31.59
CA GLU A 198 2.14 2.84 -31.68
C GLU A 198 2.89 4.11 -31.30
N LYS A 199 4.22 4.00 -31.21
CA LYS A 199 5.17 5.08 -31.00
C LYS A 199 4.91 5.88 -29.72
N VAL A 200 4.48 5.18 -28.67
CA VAL A 200 4.48 5.82 -27.36
C VAL A 200 5.90 5.77 -26.80
N ILE A 201 6.62 4.66 -27.02
CA ILE A 201 8.00 4.53 -26.59
C ILE A 201 8.87 3.96 -27.70
N VAL A 202 10.13 4.37 -27.70
CA VAL A 202 11.20 3.87 -28.55
C VAL A 202 12.39 3.42 -27.70
N TYR A 203 12.97 2.28 -28.02
CA TYR A 203 14.11 1.74 -27.26
C TYR A 203 15.31 2.16 -28.09
N LYS A 204 16.02 3.20 -27.63
CA LYS A 204 17.15 3.81 -28.31
C LYS A 204 18.27 4.16 -27.34
N ASN A 205 19.51 4.03 -27.84
CA ASN A 205 20.72 4.30 -27.08
C ASN A 205 20.76 3.46 -25.80
N SER A 206 20.14 2.28 -25.85
CA SER A 206 20.07 1.37 -24.72
C SER A 206 19.38 2.08 -23.56
N CYS A 207 18.25 2.71 -23.87
CA CYS A 207 17.38 3.38 -22.92
C CYS A 207 16.02 3.58 -23.57
N PHE A 208 14.99 3.67 -22.75
CA PHE A 208 13.64 3.89 -23.24
C PHE A 208 13.46 5.39 -23.41
N TYR A 209 12.96 5.81 -24.58
CA TYR A 209 12.59 7.22 -24.80
C TYR A 209 11.09 7.36 -25.06
N VAL A 210 10.41 8.08 -24.18
CA VAL A 210 8.98 8.33 -24.29
C VAL A 210 8.68 9.49 -25.24
N GLN A 211 7.89 9.23 -26.28
CA GLN A 211 7.53 10.25 -27.26
C GLN A 211 6.17 10.89 -27.01
N ASN A 212 5.25 10.16 -26.35
CA ASN A 212 3.87 10.62 -26.17
C ASN A 212 3.50 10.38 -24.72
N LEU A 213 3.91 11.34 -23.86
CA LEU A 213 3.61 11.24 -22.45
C LEU A 213 2.11 11.30 -22.22
N ASP A 214 1.41 12.12 -23.01
CA ASP A 214 -0.03 12.27 -22.84
C ASP A 214 -0.74 10.93 -23.01
N TYR A 215 -0.22 10.06 -23.88
CA TYR A 215 -0.81 8.74 -24.03
C TYR A 215 -0.73 7.98 -22.71
N LEU A 216 0.43 8.03 -22.06
CA LEU A 216 0.60 7.32 -20.81
C LEU A 216 -0.31 7.91 -19.73
N LYS A 217 -0.40 9.24 -19.70
CA LYS A 217 -1.25 9.90 -18.71
C LYS A 217 -2.72 9.56 -18.92
N ARG A 218 -3.15 9.44 -20.18
CA ARG A 218 -4.55 9.18 -20.45
C ARG A 218 -4.95 7.77 -20.04
N TYR A 219 -4.07 6.81 -20.24
CA TYR A 219 -4.34 5.41 -19.94
C TYR A 219 -3.95 5.02 -18.51
N ALA A 220 -3.17 5.83 -17.82
CA ALA A 220 -2.77 5.60 -16.43
C ALA A 220 -3.05 6.87 -15.64
N PRO A 221 -4.30 7.33 -15.65
CA PRO A 221 -4.59 8.65 -15.08
C PRO A 221 -4.39 8.77 -13.58
N LYS A 222 -4.73 7.76 -12.80
CA LYS A 222 -4.66 7.91 -11.35
C LYS A 222 -3.24 7.82 -10.80
N LEU A 223 -2.33 7.13 -11.49
CA LEU A 223 -0.95 7.24 -11.06
C LEU A 223 -0.39 8.60 -11.42
N ASP A 224 -0.83 9.20 -12.53
CA ASP A 224 -0.47 10.58 -12.82
C ASP A 224 -1.01 11.54 -11.76
N GLU A 225 -2.28 11.35 -11.35
CA GLU A 225 -2.83 12.18 -10.27
C GLU A 225 -2.04 11.95 -8.99
N TRP A 226 -1.77 10.68 -8.65
CA TRP A 226 -1.02 10.35 -7.45
C TRP A 226 0.30 11.11 -7.42
N PHE A 227 1.10 11.01 -8.48
CA PHE A 227 2.41 11.64 -8.48
C PHE A 227 2.27 13.15 -8.33
N TYR A 228 1.27 13.75 -8.99
CA TYR A 228 1.06 15.18 -8.83
C TYR A 228 0.77 15.53 -7.38
N LEU A 229 -0.09 14.75 -6.73
CA LEU A 229 -0.47 15.05 -5.35
C LEU A 229 0.66 14.72 -4.38
N ALA A 230 1.53 13.78 -4.74
CA ALA A 230 2.57 13.30 -3.85
C ALA A 230 3.92 13.97 -4.08
N CYS A 231 4.19 14.44 -5.29
CA CYS A 231 5.46 15.08 -5.61
C CYS A 231 5.20 16.15 -6.66
N PRO A 232 4.46 17.20 -6.30
CA PRO A 232 4.07 18.20 -7.31
C PRO A 232 5.27 18.88 -7.96
N ALA A 233 6.34 19.12 -7.19
CA ALA A 233 7.49 19.79 -7.77
C ALA A 233 8.11 18.96 -8.88
N THR A 234 8.36 17.68 -8.62
CA THR A 234 8.86 16.79 -9.65
C THR A 234 7.88 16.68 -10.81
N TRP A 235 6.59 16.46 -10.49
CA TRP A 235 5.56 16.38 -11.52
C TRP A 235 5.52 17.61 -12.40
N GLY A 236 5.98 18.76 -11.89
CA GLY A 236 5.81 20.01 -12.61
C GLY A 236 6.80 20.21 -13.73
N LYS A 237 7.99 19.63 -13.61
CA LYS A 237 9.02 19.81 -14.63
C LYS A 237 8.60 19.27 -16.00
N LEU A 238 8.07 18.05 -16.06
CA LEU A 238 7.61 17.50 -17.32
C LEU A 238 6.15 17.84 -17.66
N ASN A 239 5.50 18.68 -16.86
CA ASN A 239 4.12 19.06 -17.15
C ASN A 239 4.01 20.57 -17.30
N ASN B 4 -10.79 -4.89 21.24
CA ASN B 4 -9.40 -4.53 21.00
C ASN B 4 -8.99 -3.36 21.88
N ALA B 5 -8.15 -3.65 22.88
CA ALA B 5 -7.79 -2.64 23.88
C ALA B 5 -7.16 -1.40 23.24
N GLN B 6 -6.24 -1.62 22.30
CA GLN B 6 -5.55 -0.49 21.66
C GLN B 6 -6.52 0.39 20.89
N ALA B 7 -7.47 -0.20 20.18
CA ALA B 7 -8.43 0.60 19.43
C ALA B 7 -9.32 1.39 20.40
N GLU B 8 -9.68 0.76 21.51
CA GLU B 8 -10.54 1.33 22.58
C GLU B 8 -9.84 2.61 23.04
N GLU B 9 -8.54 2.46 23.28
CA GLU B 9 -7.71 3.54 23.84
C GLU B 9 -7.82 4.79 22.99
N PHE B 10 -7.72 4.63 21.68
CA PHE B 10 -7.74 5.76 20.74
C PHE B 10 -9.08 6.48 20.83
N LYS B 11 -10.15 5.70 20.83
CA LYS B 11 -11.55 6.18 20.94
C LYS B 11 -11.66 7.03 22.22
N LYS B 12 -11.07 6.57 23.33
CA LYS B 12 -11.21 7.36 24.58
C LYS B 12 -10.42 8.68 24.45
N TYR B 13 -9.18 8.54 23.99
CA TYR B 13 -8.23 9.67 23.94
C TYR B 13 -8.82 10.82 23.12
N LEU B 14 -9.42 10.59 21.97
CA LEU B 14 -9.93 11.74 21.21
C LEU B 14 -11.07 12.40 21.94
N GLU B 15 -11.94 11.61 22.55
CA GLU B 15 -13.04 12.22 23.27
C GLU B 15 -12.47 13.06 24.41
N THR B 16 -11.48 12.51 25.11
CA THR B 16 -10.88 13.14 26.22
C THR B 16 -10.52 14.57 25.88
N ASN B 17 -10.16 14.81 24.64
CA ASN B 17 -9.73 16.15 24.25
C ASN B 17 -10.85 17.03 23.70
N GLY B 18 -12.07 16.54 23.57
CA GLY B 18 -13.17 17.36 23.07
C GLY B 18 -13.75 17.01 21.70
N ILE B 19 -13.55 15.78 21.22
CA ILE B 19 -14.05 15.30 19.93
C ILE B 19 -15.09 14.21 20.16
N LYS B 20 -16.23 14.32 19.48
CA LYS B 20 -17.26 13.32 19.72
C LYS B 20 -17.67 12.55 18.47
N PRO B 21 -18.05 11.29 18.66
CA PRO B 21 -18.36 10.40 17.53
C PRO B 21 -19.56 10.86 16.71
N LYS B 22 -19.56 10.45 15.45
CA LYS B 22 -20.68 10.71 14.55
C LYS B 22 -21.18 9.37 14.03
N GLN B 23 -22.50 9.27 13.83
CA GLN B 23 -23.15 8.07 13.31
C GLN B 23 -23.37 8.27 11.82
N PHE B 24 -23.35 7.17 11.09
CA PHE B 24 -23.35 7.23 9.63
C PHE B 24 -24.26 6.15 9.04
N HIS B 25 -25.30 6.51 8.31
CA HIS B 25 -26.22 5.53 7.69
C HIS B 25 -25.55 5.01 6.42
N LYS B 26 -25.94 3.84 5.95
CA LYS B 26 -25.45 3.25 4.74
C LYS B 26 -25.64 4.18 3.54
N LYS B 27 -24.62 4.29 2.69
CA LYS B 27 -24.47 5.10 1.47
C LYS B 27 -24.02 6.52 1.73
N GLU B 28 -23.84 6.90 2.97
CA GLU B 28 -23.39 8.22 3.27
C GLU B 28 -21.90 8.23 3.14
N LEU B 29 -21.35 9.36 2.76
CA LEU B 29 -19.90 9.55 2.63
C LEU B 29 -19.32 10.31 3.81
N ILE B 30 -18.41 9.66 4.54
CA ILE B 30 -17.77 10.38 5.64
C ILE B 30 -16.85 11.47 5.08
N PHE B 31 -16.27 11.25 3.90
CA PHE B 31 -15.65 12.31 3.11
C PHE B 31 -15.79 11.94 1.63
N ASN B 32 -15.57 12.95 0.78
CA ASN B 32 -15.79 12.82 -0.66
C ASN B 32 -14.61 13.45 -1.40
N GLN B 33 -14.54 13.15 -2.70
CA GLN B 33 -13.38 13.54 -3.48
C GLN B 33 -13.41 14.98 -3.96
N TRP B 34 -14.52 15.69 -3.77
CA TRP B 34 -14.62 17.08 -4.20
C TRP B 34 -14.49 18.05 -3.04
N ASP B 35 -14.32 17.55 -1.83
CA ASP B 35 -14.21 18.44 -0.68
C ASP B 35 -12.82 19.07 -0.71
N PRO B 36 -12.72 20.41 -0.62
CA PRO B 36 -11.40 21.05 -0.53
C PRO B 36 -10.68 20.78 0.78
N GLN B 37 -11.37 20.21 1.77
CA GLN B 37 -10.81 19.97 3.10
C GLN B 37 -10.61 18.49 3.29
N GLU B 38 -9.47 18.13 3.86
CA GLU B 38 -9.10 16.74 4.06
C GLU B 38 -9.28 16.38 5.53
N TYR B 39 -9.54 15.10 5.79
CA TYR B 39 -9.97 14.67 7.11
C TYR B 39 -9.24 13.40 7.51
N CYS B 40 -9.03 13.25 8.81
CA CYS B 40 -8.58 11.99 9.40
C CYS B 40 -9.79 11.32 10.04
N ILE B 41 -10.19 10.17 9.52
CA ILE B 41 -11.37 9.46 9.96
C ILE B 41 -10.92 8.32 10.86
N PHE B 42 -11.48 8.23 12.06
CA PHE B 42 -11.28 7.08 12.94
C PHE B 42 -12.59 6.28 12.94
N LEU B 43 -12.66 5.31 12.04
CA LEU B 43 -13.87 4.49 11.88
C LEU B 43 -13.92 3.51 13.04
N TYR B 44 -14.77 3.79 14.02
CA TYR B 44 -14.82 2.96 15.22
C TYR B 44 -15.66 1.70 15.01
N ASP B 45 -16.75 1.80 14.26
CA ASP B 45 -17.60 0.64 14.05
C ASP B 45 -18.35 0.81 12.73
N GLY B 46 -18.61 -0.31 12.09
CA GLY B 46 -19.26 -0.33 10.80
C GLY B 46 -18.28 -0.68 9.70
N ILE B 47 -18.81 -0.78 8.49
CA ILE B 47 -18.03 -1.15 7.33
C ILE B 47 -18.14 -0.02 6.31
N THR B 48 -17.01 0.29 5.67
CA THR B 48 -16.93 1.36 4.69
C THR B 48 -16.10 0.84 3.52
N LYS B 49 -16.23 1.52 2.40
CA LYS B 49 -15.38 1.29 1.24
C LYS B 49 -14.83 2.61 0.71
N LEU B 50 -13.61 2.55 0.23
CA LEU B 50 -12.98 3.64 -0.49
C LEU B 50 -13.33 3.53 -1.97
N THR B 51 -13.66 4.64 -2.59
CA THR B 51 -14.02 4.63 -3.97
C THR B 51 -13.47 5.82 -4.68
N SER B 52 -13.31 5.74 -5.98
CA SER B 52 -12.83 6.82 -6.77
C SER B 52 -13.73 6.99 -7.94
N ILE B 53 -13.85 8.18 -8.47
CA ILE B 53 -14.74 8.37 -9.58
C ILE B 53 -13.99 8.86 -10.80
N SER B 54 -14.21 8.25 -11.93
CA SER B 54 -13.48 8.55 -13.15
C SER B 54 -14.13 9.75 -13.85
N GLU B 55 -13.36 10.36 -14.74
CA GLU B 55 -13.93 11.30 -15.70
C GLU B 55 -15.28 10.85 -16.23
N ASN B 56 -15.36 9.65 -16.81
CA ASN B 56 -16.63 9.13 -17.30
C ASN B 56 -17.73 9.13 -16.23
N GLY B 57 -17.36 8.90 -14.97
CA GLY B 57 -18.33 8.86 -13.88
C GLY B 57 -18.56 7.48 -13.30
N THR B 58 -17.76 6.50 -13.71
CA THR B 58 -17.85 5.13 -13.22
C THR B 58 -17.24 5.04 -11.82
N ILE B 59 -17.88 4.27 -10.94
CA ILE B 59 -17.36 4.09 -9.60
C ILE B 59 -16.47 2.85 -9.57
N MET B 60 -15.30 3.00 -8.96
CA MET B 60 -14.33 1.92 -8.75
C MET B 60 -14.12 1.70 -7.26
N ASN B 61 -14.37 0.49 -6.79
CA ASN B 61 -14.09 0.13 -5.40
C ASN B 61 -12.63 -0.30 -5.25
N LEU B 62 -11.91 0.41 -4.39
CA LEU B 62 -10.47 0.22 -4.18
C LEU B 62 -10.14 -0.45 -2.86
N GLN B 63 -10.91 -0.20 -1.80
CA GLN B 63 -10.69 -0.95 -0.58
C GLN B 63 -11.84 -0.76 0.40
N TYR B 64 -11.87 -1.66 1.37
CA TYR B 64 -12.88 -1.76 2.42
C TYR B 64 -12.21 -1.61 3.77
N TYR B 65 -12.95 -1.06 4.72
CA TYR B 65 -12.44 -0.90 6.08
C TYR B 65 -13.50 -1.33 7.08
N LYS B 66 -13.06 -2.14 8.04
CA LYS B 66 -13.82 -2.53 9.21
C LYS B 66 -13.23 -1.85 10.43
N GLY B 67 -14.10 -1.39 11.33
CA GLY B 67 -13.62 -0.80 12.56
C GLY B 67 -13.01 -1.85 13.47
N ALA B 68 -12.02 -1.41 14.26
CA ALA B 68 -11.56 -0.04 14.34
C ALA B 68 -10.45 0.20 13.30
N PHE B 69 -10.48 1.33 12.60
CA PHE B 69 -9.42 1.60 11.63
C PHE B 69 -9.37 3.10 11.38
N VAL B 70 -8.26 3.54 10.78
CA VAL B 70 -8.01 4.95 10.50
C VAL B 70 -7.83 5.16 9.00
N ILE B 71 -8.60 6.10 8.44
CA ILE B 71 -8.51 6.48 7.04
C ILE B 71 -8.31 7.99 6.97
N MET B 72 -7.22 8.43 6.34
CA MET B 72 -6.87 9.84 6.26
C MET B 72 -6.85 10.29 4.81
N SER B 73 -7.68 11.27 4.48
CA SER B 73 -7.81 11.76 3.12
C SER B 73 -6.80 12.84 2.74
N GLY B 74 -5.92 13.23 3.66
CA GLY B 74 -4.94 14.27 3.37
C GLY B 74 -3.59 13.94 3.97
N PHE B 75 -2.54 14.43 3.32
CA PHE B 75 -1.20 14.28 3.88
C PHE B 75 -1.15 15.05 5.20
N ILE B 76 -0.51 14.44 6.20
CA ILE B 76 -0.54 15.03 7.53
C ILE B 76 0.17 16.38 7.56
N ASP B 77 1.19 16.56 6.72
CA ASP B 77 2.00 17.78 6.73
C ASP B 77 1.42 18.83 5.78
N THR B 78 1.41 18.51 4.48
CA THR B 78 0.99 19.50 3.49
C THR B 78 -0.51 19.75 3.52
N GLU B 79 -1.29 18.86 4.12
CA GLU B 79 -2.74 18.99 4.22
C GLU B 79 -3.43 18.89 2.86
N THR B 80 -2.71 18.45 1.84
CA THR B 80 -3.31 18.27 0.52
C THR B 80 -3.79 16.83 0.36
N SER B 81 -4.65 16.62 -0.63
CA SER B 81 -5.28 15.33 -0.82
C SER B 81 -4.21 14.27 -1.10
N VAL B 82 -4.40 13.08 -0.54
CA VAL B 82 -3.56 11.94 -0.92
C VAL B 82 -4.13 11.26 -2.15
N GLY B 83 -5.33 11.63 -2.58
CA GLY B 83 -6.01 11.05 -3.72
C GLY B 83 -7.48 11.40 -3.68
N TYR B 84 -8.08 11.59 -4.86
CA TYR B 84 -9.48 11.95 -4.97
C TYR B 84 -10.34 10.72 -4.71
N TYR B 85 -10.64 10.50 -3.43
CA TYR B 85 -11.32 9.30 -2.98
C TYR B 85 -12.53 9.67 -2.13
N ASN B 86 -13.50 8.77 -2.09
CA ASN B 86 -14.66 8.87 -1.23
C ASN B 86 -14.70 7.67 -0.30
N LEU B 87 -15.29 7.87 0.86
CA LEU B 87 -15.42 6.84 1.89
C LEU B 87 -16.90 6.58 2.15
N GLU B 88 -17.44 5.56 1.48
CA GLU B 88 -18.87 5.28 1.50
C GLU B 88 -19.18 4.16 2.49
N VAL B 89 -20.20 4.39 3.32
CA VAL B 89 -20.68 3.38 4.25
C VAL B 89 -21.47 2.31 3.48
N ILE B 90 -21.10 1.05 3.69
CA ILE B 90 -21.84 -0.05 3.08
C ILE B 90 -22.53 -0.94 4.11
N SER B 91 -22.17 -0.85 5.39
CA SER B 91 -22.98 -1.45 6.44
C SER B 91 -24.19 -0.57 6.74
N GLU B 92 -25.21 -1.17 7.37
CA GLU B 92 -26.42 -0.42 7.65
C GLU B 92 -26.11 0.87 8.41
N GLN B 93 -25.21 0.81 9.39
CA GLN B 93 -24.77 2.01 10.07
C GLN B 93 -23.31 1.90 10.48
N ALA B 94 -22.69 3.06 10.69
CA ALA B 94 -21.29 3.13 11.09
C ALA B 94 -21.10 4.34 12.01
N THR B 95 -20.28 4.18 13.04
CA THR B 95 -19.90 5.26 13.95
C THR B 95 -18.45 5.64 13.66
N ALA B 96 -18.19 6.92 13.44
CA ALA B 96 -16.86 7.38 13.05
C ALA B 96 -16.60 8.78 13.60
N TYR B 97 -15.35 9.01 14.01
CA TYR B 97 -14.87 10.32 14.45
C TYR B 97 -14.18 11.00 13.28
N VAL B 98 -14.65 12.20 12.92
CA VAL B 98 -14.20 12.92 11.74
C VAL B 98 -13.38 14.12 12.19
N ILE B 99 -12.06 14.04 11.97
CA ILE B 99 -11.11 15.07 12.37
C ILE B 99 -10.53 15.74 11.13
N LYS B 100 -10.62 17.06 11.11
CA LYS B 100 -9.97 17.90 10.11
C LYS B 100 -8.45 17.82 10.22
N ILE B 101 -7.77 17.75 9.07
CA ILE B 101 -6.38 17.31 9.12
C ILE B 101 -5.51 18.34 9.80
N ASN B 102 -5.91 19.61 9.78
CA ASN B 102 -5.15 20.66 10.47
C ASN B 102 -5.34 20.60 11.98
N GLU B 103 -6.46 20.04 12.45
CA GLU B 103 -6.68 19.89 13.88
C GLU B 103 -5.96 18.68 14.47
N LEU B 104 -5.80 17.62 13.67
CA LEU B 104 -5.09 16.45 14.18
C LEU B 104 -3.69 16.75 14.64
N LYS B 105 -2.98 17.61 13.94
CA LYS B 105 -1.62 17.89 14.40
C LYS B 105 -1.58 18.54 15.78
N GLU B 106 -2.61 19.25 16.23
CA GLU B 106 -2.53 19.87 17.59
C GLU B 106 -2.57 18.77 18.65
N LEU B 107 -3.43 17.79 18.43
CA LEU B 107 -3.56 16.65 19.37
C LEU B 107 -2.24 15.88 19.37
N LEU B 108 -1.63 15.69 18.18
CA LEU B 108 -0.35 14.97 17.97
C LEU B 108 0.81 15.78 18.51
N SER B 109 0.69 17.10 18.55
CA SER B 109 1.66 18.02 19.20
C SER B 109 1.68 17.70 20.69
N LYS B 110 0.53 17.33 21.29
CA LYS B 110 0.50 16.92 22.70
C LYS B 110 1.17 15.53 22.97
N ASN B 111 0.70 14.41 22.40
CA ASN B 111 1.14 13.03 22.77
C ASN B 111 1.59 12.24 21.54
N LEU B 112 2.45 11.25 21.76
CA LEU B 112 3.05 10.39 20.72
C LEU B 112 2.45 8.99 20.71
N THR B 113 2.03 8.45 21.85
CA THR B 113 1.55 7.07 21.90
C THR B 113 0.44 6.79 20.92
N HIS B 114 -0.47 7.69 20.89
CA HIS B 114 -1.60 7.64 20.03
C HIS B 114 -1.26 7.84 18.62
N PHE B 115 -0.29 8.70 18.38
CA PHE B 115 0.19 8.99 17.05
C PHE B 115 0.76 7.69 16.51
N PHE B 116 1.50 6.93 17.30
CA PHE B 116 1.98 5.67 16.85
C PHE B 116 0.85 4.72 16.47
N TYR B 117 -0.28 4.75 17.16
CA TYR B 117 -1.30 3.83 16.79
C TYR B 117 -1.75 4.10 15.42
N VAL B 118 -1.79 5.34 15.03
CA VAL B 118 -2.22 5.60 13.67
C VAL B 118 -1.14 5.22 12.65
N PHE B 119 0.12 5.48 12.96
CA PHE B 119 1.27 5.12 12.15
C PHE B 119 1.24 3.63 11.81
N GLN B 120 0.96 2.78 12.80
CA GLN B 120 1.00 1.35 12.54
C GLN B 120 -0.20 0.86 11.73
N THR B 121 -1.31 1.59 11.71
CA THR B 121 -2.41 1.20 10.82
C THR B 121 -2.03 1.39 9.35
N LEU B 122 -1.28 2.45 9.04
CA LEU B 122 -0.72 2.60 7.70
C LEU B 122 0.21 1.46 7.34
N GLN B 123 1.06 1.04 8.29
CA GLN B 123 1.98 -0.05 7.99
C GLN B 123 1.22 -1.31 7.61
N LYS B 124 0.12 -1.62 8.32
CA LYS B 124 -0.68 -2.77 7.95
C LYS B 124 -1.22 -2.60 6.53
N GLN B 125 -1.66 -1.39 6.18
CA GLN B 125 -2.15 -1.12 4.83
C GLN B 125 -1.05 -1.39 3.82
N VAL B 126 0.15 -0.85 4.08
CA VAL B 126 1.28 -1.02 3.17
C VAL B 126 1.60 -2.49 3.00
N SER B 127 1.76 -3.22 4.10
CA SER B 127 2.11 -4.63 4.01
C SER B 127 0.98 -5.44 3.39
N TYR B 128 -0.27 -5.00 3.57
CA TYR B 128 -1.39 -5.71 2.96
C TYR B 128 -1.28 -5.69 1.45
N SER B 129 -0.99 -4.52 0.88
CA SER B 129 -0.87 -4.43 -0.58
C SER B 129 0.33 -5.26 -1.05
N LEU B 130 1.44 -5.21 -0.31
CA LEU B 130 2.61 -6.02 -0.66
C LEU B 130 2.28 -7.50 -0.62
N ALA B 131 1.54 -7.92 0.40
CA ALA B 131 1.12 -9.32 0.53
C ALA B 131 0.24 -9.74 -0.63
N LYS B 132 -0.70 -8.87 -1.03
CA LYS B 132 -1.57 -9.20 -2.15
C LYS B 132 -0.79 -9.35 -3.44
N PHE B 133 0.15 -8.43 -3.70
CA PHE B 133 0.97 -8.57 -4.89
C PHE B 133 1.76 -9.88 -4.86
N ASN B 134 2.34 -10.22 -3.74
CA ASN B 134 3.13 -11.42 -3.72
C ASN B 134 2.33 -12.67 -3.98
N ASP B 135 1.19 -12.80 -3.37
CA ASP B 135 0.41 -13.99 -3.59
C ASP B 135 -0.04 -14.07 -4.97
N PHE B 136 -0.48 -12.97 -5.53
CA PHE B 136 -0.95 -13.00 -6.89
C PHE B 136 0.12 -13.43 -7.85
N SER B 137 1.29 -12.89 -7.67
CA SER B 137 2.40 -13.21 -8.53
C SER B 137 2.76 -14.65 -8.40
N ILE B 138 2.74 -15.19 -7.21
CA ILE B 138 2.98 -16.59 -7.05
C ILE B 138 1.90 -17.54 -7.49
N ASN B 139 0.64 -17.24 -7.25
CA ASN B 139 -0.43 -18.20 -7.51
C ASN B 139 -1.50 -17.70 -8.43
N GLY B 140 -1.12 -16.79 -9.24
CA GLY B 140 -1.93 -16.15 -10.25
C GLY B 140 -3.28 -15.73 -9.70
N LYS B 141 -4.30 -15.81 -10.54
CA LYS B 141 -5.63 -15.40 -10.10
C LYS B 141 -6.22 -16.34 -9.06
N LEU B 142 -5.76 -17.59 -9.02
CA LEU B 142 -6.22 -18.50 -7.98
C LEU B 142 -5.81 -18.00 -6.61
N GLY B 143 -4.58 -17.49 -6.51
CA GLY B 143 -4.11 -16.94 -5.25
C GLY B 143 -4.82 -15.69 -4.80
N SER B 144 -5.16 -14.80 -5.74
CA SER B 144 -5.82 -13.56 -5.33
C SER B 144 -7.18 -13.83 -4.71
N ILE B 145 -8.02 -14.62 -5.35
CA ILE B 145 -9.37 -14.82 -4.82
C ILE B 145 -9.31 -15.64 -3.53
N CYS B 146 -8.49 -16.70 -3.51
CA CYS B 146 -8.37 -17.45 -2.27
C CYS B 146 -7.78 -16.56 -1.19
N GLY B 147 -6.86 -15.68 -1.57
CA GLY B 147 -6.40 -14.66 -0.65
C GLY B 147 -7.56 -13.86 -0.08
N GLN B 148 -8.42 -13.36 -0.98
CA GLN B 148 -9.56 -12.57 -0.54
C GLN B 148 -10.55 -13.40 0.26
N LEU B 149 -10.80 -14.64 -0.16
CA LEU B 149 -11.69 -15.48 0.62
C LEU B 149 -11.13 -15.77 2.01
N LEU B 150 -9.83 -16.08 2.09
CA LEU B 150 -9.22 -16.35 3.39
C LEU B 150 -9.22 -15.14 4.34
N ILE B 151 -8.97 -13.94 3.83
CA ILE B 151 -9.09 -12.77 4.68
C ILE B 151 -10.52 -12.64 5.20
N LEU B 152 -11.49 -12.74 4.28
CA LEU B 152 -12.90 -12.67 4.63
C LEU B 152 -13.24 -13.79 5.62
N THR B 153 -12.62 -14.96 5.44
CA THR B 153 -12.84 -16.11 6.33
C THR B 153 -12.24 -15.85 7.70
N TYR B 154 -11.17 -15.06 7.78
CA TYR B 154 -10.51 -14.79 9.05
C TYR B 154 -11.32 -13.75 9.82
N VAL B 155 -11.89 -12.76 9.14
CA VAL B 155 -12.56 -11.66 9.80
C VAL B 155 -14.02 -12.03 10.03
N TYR B 156 -14.67 -12.57 8.99
CA TYR B 156 -16.08 -12.91 9.04
C TYR B 156 -16.34 -14.41 9.16
N GLY B 157 -15.36 -15.24 9.44
CA GLY B 157 -15.66 -16.66 9.39
C GLY B 157 -16.35 -17.26 10.58
N LYS B 158 -17.51 -17.91 10.39
CA LYS B 158 -18.23 -18.52 11.50
C LYS B 158 -18.16 -20.04 11.44
N GLU B 159 -17.64 -20.73 12.46
CA GLU B 159 -17.61 -22.20 12.45
C GLU B 159 -19.07 -22.68 12.37
N THR B 160 -19.39 -23.62 11.46
CA THR B 160 -20.74 -24.22 11.25
C THR B 160 -20.50 -25.69 10.86
N PRO B 161 -21.36 -26.70 11.13
CA PRO B 161 -21.03 -28.08 10.74
C PRO B 161 -20.78 -28.24 9.23
N ASP B 162 -21.56 -27.54 8.39
CA ASP B 162 -21.41 -27.57 6.92
C ASP B 162 -20.02 -27.05 6.54
N GLY B 163 -19.54 -26.00 7.23
CA GLY B 163 -18.22 -25.39 7.01
C GLY B 163 -18.17 -23.97 7.57
N ILE B 164 -16.99 -23.33 7.56
CA ILE B 164 -16.82 -21.96 8.08
C ILE B 164 -17.68 -21.08 7.19
N LYS B 165 -18.72 -20.45 7.70
CA LYS B 165 -19.62 -19.60 6.89
C LYS B 165 -19.02 -18.22 6.79
N ILE B 166 -18.95 -17.63 5.62
CA ILE B 166 -18.42 -16.26 5.49
C ILE B 166 -19.64 -15.41 5.84
N THR B 167 -19.73 -14.90 7.06
CA THR B 167 -20.91 -14.20 7.64
C THR B 167 -20.97 -12.74 7.19
N LEU B 168 -21.15 -12.55 5.89
CA LEU B 168 -21.32 -11.28 5.16
C LEU B 168 -22.51 -11.58 4.29
N ASP B 169 -23.56 -10.77 4.28
CA ASP B 169 -24.80 -11.14 3.53
C ASP B 169 -24.57 -11.00 2.02
N ASN B 170 -25.52 -11.54 1.26
CA ASN B 170 -25.59 -11.45 -0.23
C ASN B 170 -25.26 -10.03 -0.72
N LEU B 171 -25.72 -8.96 -0.06
CA LEU B 171 -25.46 -7.57 -0.43
C LEU B 171 -23.99 -7.37 -0.76
N THR B 172 -23.12 -7.63 0.21
CA THR B 172 -21.68 -7.46 0.03
C THR B 172 -21.02 -8.71 -0.56
N MET B 173 -21.59 -9.89 -0.33
CA MET B 173 -21.00 -11.10 -0.89
C MET B 173 -21.06 -11.11 -2.41
N GLN B 174 -22.12 -10.54 -2.99
CA GLN B 174 -22.17 -10.36 -4.44
C GLN B 174 -21.36 -9.16 -4.89
N GLU B 175 -21.09 -8.22 -3.99
CA GLU B 175 -20.22 -7.08 -4.28
C GLU B 175 -18.79 -7.55 -4.51
N SER B 186 -15.95 -13.07 -15.38
CA SER B 186 -15.69 -14.20 -16.28
C SER B 186 -14.73 -15.20 -15.65
N ALA B 187 -13.47 -14.79 -15.53
CA ALA B 187 -12.45 -15.65 -14.94
C ALA B 187 -12.78 -15.96 -13.48
N VAL B 188 -13.29 -14.98 -12.74
CA VAL B 188 -13.62 -15.19 -11.34
C VAL B 188 -14.68 -16.26 -11.20
N SER B 189 -15.68 -16.25 -12.08
CA SER B 189 -16.73 -17.25 -12.01
C SER B 189 -16.16 -18.65 -12.26
N ARG B 190 -15.24 -18.76 -13.22
CA ARG B 190 -14.64 -20.06 -13.52
C ARG B 190 -13.78 -20.58 -12.38
N ILE B 191 -12.94 -19.72 -11.79
CA ILE B 191 -12.10 -20.15 -10.68
C ILE B 191 -12.97 -20.58 -9.50
N ILE B 192 -14.06 -19.84 -9.23
CA ILE B 192 -14.95 -20.17 -8.14
C ILE B 192 -15.57 -21.55 -8.41
N SER B 193 -15.85 -21.82 -9.78
CA SER B 193 -16.44 -23.12 -10.02
C SER B 193 -15.46 -24.21 -9.64
N LYS B 194 -14.17 -23.96 -9.87
CA LYS B 194 -13.16 -24.94 -9.49
C LYS B 194 -13.24 -25.19 -8.00
N LEU B 195 -13.24 -24.10 -7.23
CA LEU B 195 -13.23 -24.17 -5.78
C LEU B 195 -14.41 -25.02 -5.29
N LYS B 196 -15.63 -24.69 -5.76
CA LYS B 196 -16.80 -25.49 -5.37
C LYS B 196 -16.66 -26.94 -5.85
N GLN B 197 -16.14 -27.15 -7.06
CA GLN B 197 -15.99 -28.50 -7.56
C GLN B 197 -15.01 -29.28 -6.69
N GLU B 198 -13.96 -28.61 -6.20
CA GLU B 198 -12.85 -29.21 -5.43
C GLU B 198 -13.23 -29.48 -3.98
N LYS B 199 -14.39 -28.95 -3.53
CA LYS B 199 -15.02 -29.09 -2.20
C LYS B 199 -14.29 -28.21 -1.18
N VAL B 200 -13.55 -27.20 -1.63
CA VAL B 200 -12.86 -26.16 -0.81
C VAL B 200 -13.91 -25.19 -0.29
N ILE B 201 -14.86 -24.83 -1.14
CA ILE B 201 -15.92 -23.88 -0.76
C ILE B 201 -17.31 -24.45 -1.04
N VAL B 202 -18.33 -24.01 -0.31
CA VAL B 202 -19.69 -24.46 -0.54
C VAL B 202 -20.56 -23.20 -0.48
N TYR B 203 -21.50 -23.03 -1.41
CA TYR B 203 -22.35 -21.83 -1.50
C TYR B 203 -23.82 -22.17 -1.24
N LYS B 204 -24.27 -22.06 0.01
CA LYS B 204 -25.66 -22.33 0.46
C LYS B 204 -26.20 -21.06 1.11
N ASN B 205 -27.49 -20.78 0.99
CA ASN B 205 -28.13 -19.65 1.71
C ASN B 205 -27.44 -18.33 1.40
N SER B 206 -27.12 -18.11 0.14
CA SER B 206 -26.56 -16.85 -0.44
C SER B 206 -25.15 -16.47 0.07
N CYS B 207 -24.39 -17.30 0.78
CA CYS B 207 -23.03 -16.86 1.18
C CYS B 207 -22.10 -18.09 1.39
N PHE B 208 -20.84 -18.00 0.94
CA PHE B 208 -19.87 -19.06 0.87
C PHE B 208 -19.53 -19.70 2.19
N TYR B 209 -19.22 -20.99 2.16
CA TYR B 209 -18.85 -21.77 3.31
C TYR B 209 -17.51 -22.41 2.93
N VAL B 210 -16.63 -22.64 3.87
CA VAL B 210 -15.33 -23.20 3.52
C VAL B 210 -15.05 -24.54 4.16
N GLN B 211 -14.59 -25.53 3.42
CA GLN B 211 -14.25 -26.78 4.08
C GLN B 211 -12.80 -27.19 3.93
N ASN B 212 -12.03 -26.45 3.19
CA ASN B 212 -10.61 -26.77 3.06
C ASN B 212 -9.86 -25.46 3.42
N LEU B 213 -9.94 -25.03 4.68
CA LEU B 213 -9.33 -23.75 5.01
C LEU B 213 -7.88 -23.78 4.56
N ASP B 214 -7.24 -24.94 4.68
CA ASP B 214 -5.82 -25.03 4.39
C ASP B 214 -5.56 -25.02 2.88
N TYR B 215 -6.59 -25.18 2.06
CA TYR B 215 -6.43 -24.96 0.62
C TYR B 215 -6.28 -23.47 0.33
N LEU B 216 -7.14 -22.65 0.95
CA LEU B 216 -6.97 -21.20 0.81
C LEU B 216 -5.62 -20.78 1.36
N LYS B 217 -5.21 -21.37 2.46
CA LYS B 217 -3.94 -21.04 3.09
C LYS B 217 -2.76 -21.48 2.22
N ARG B 218 -2.95 -22.56 1.46
CA ARG B 218 -1.88 -23.06 0.61
C ARG B 218 -1.63 -22.17 -0.60
N TYR B 219 -2.67 -21.56 -1.15
CA TYR B 219 -2.53 -20.74 -2.34
C TYR B 219 -2.51 -19.24 -2.05
N ALA B 220 -2.71 -18.83 -0.81
CA ALA B 220 -2.47 -17.45 -0.39
C ALA B 220 -1.57 -17.41 0.84
N PRO B 221 -0.38 -18.01 0.77
CA PRO B 221 0.41 -18.17 2.00
C PRO B 221 0.89 -16.85 2.58
N LYS B 222 1.39 -15.93 1.74
CA LYS B 222 1.87 -14.65 2.25
C LYS B 222 0.75 -13.84 2.89
N LEU B 223 -0.45 -13.88 2.31
CA LEU B 223 -1.59 -13.16 2.90
C LEU B 223 -1.91 -13.75 4.26
N ASP B 224 -1.88 -15.08 4.38
CA ASP B 224 -2.07 -15.71 5.68
C ASP B 224 -0.99 -15.23 6.65
N GLU B 225 0.26 -15.21 6.20
CA GLU B 225 1.33 -14.62 7.01
C GLU B 225 0.97 -13.21 7.47
N TRP B 226 0.49 -12.38 6.53
CA TRP B 226 0.16 -11.00 6.88
C TRP B 226 -0.92 -10.87 7.95
N PHE B 227 -2.00 -11.64 7.84
CA PHE B 227 -3.03 -11.60 8.88
C PHE B 227 -2.45 -12.00 10.24
N TYR B 228 -1.56 -12.99 10.25
CA TYR B 228 -0.95 -13.44 11.49
C TYR B 228 -0.14 -12.31 12.11
N LEU B 229 0.62 -11.59 11.29
CA LEU B 229 1.52 -10.57 11.77
C LEU B 229 0.82 -9.26 12.07
N ALA B 230 -0.29 -8.97 11.38
CA ALA B 230 -0.97 -7.70 11.57
C ALA B 230 -2.14 -7.82 12.55
N CYS B 231 -2.92 -8.89 12.49
CA CYS B 231 -4.09 -9.09 13.35
C CYS B 231 -3.97 -10.44 14.05
N PRO B 232 -2.98 -10.59 14.93
CA PRO B 232 -2.75 -11.91 15.55
C PRO B 232 -3.88 -12.41 16.43
N ALA B 233 -4.78 -11.64 16.95
CA ALA B 233 -5.90 -12.31 17.62
C ALA B 233 -6.90 -13.05 16.69
N THR B 234 -7.48 -12.35 15.72
CA THR B 234 -8.49 -12.89 14.76
C THR B 234 -7.94 -14.12 14.01
N TRP B 235 -6.64 -14.14 13.74
CA TRP B 235 -5.98 -15.28 13.08
C TRP B 235 -6.11 -16.52 13.96
N GLY B 236 -5.94 -16.32 15.26
CA GLY B 236 -6.01 -17.44 16.23
C GLY B 236 -7.29 -18.20 16.11
N LYS B 237 -8.40 -17.50 15.88
CA LYS B 237 -9.78 -18.05 15.81
C LYS B 237 -9.84 -19.36 15.01
N LEU B 238 -9.17 -19.51 13.86
CA LEU B 238 -9.26 -20.76 13.06
C LEU B 238 -7.91 -21.38 12.75
N ASN B 239 -6.93 -21.39 13.65
CA ASN B 239 -5.63 -22.02 13.33
C ASN B 239 -5.07 -22.81 14.50
N GLU C 1 11.70 8.31 -3.68
CA GLU C 1 10.39 8.00 -4.20
C GLU C 1 10.22 6.51 -4.37
N VAL C 2 8.99 6.06 -4.67
CA VAL C 2 8.63 4.70 -4.90
C VAL C 2 8.26 4.54 -6.33
N PHE C 3 8.60 3.37 -6.92
CA PHE C 3 8.24 3.00 -8.30
C PHE C 3 8.19 1.47 -8.41
N LEU C 4 7.42 0.96 -9.36
CA LEU C 4 7.23 -0.48 -9.67
C LEU C 4 7.06 -1.31 -8.39
N GLU D 1 -10.04 -3.84 10.61
CA GLU D 1 -9.27 -4.63 9.67
C GLU D 1 -9.41 -4.10 8.25
N VAL D 2 -8.56 -4.59 7.36
CA VAL D 2 -8.59 -4.23 5.95
C VAL D 2 -8.91 -5.47 5.14
N PHE D 3 -9.47 -5.27 3.95
CA PHE D 3 -9.71 -6.37 3.02
C PHE D 3 -10.09 -5.80 1.67
N LEU D 4 -9.78 -6.55 0.62
CA LEU D 4 -10.01 -6.14 -0.77
C LEU D 4 -9.21 -4.89 -1.12
#